data_2AIQ
#
_entry.id   2AIQ
#
_cell.length_a   80.516
_cell.length_b   63.463
_cell.length_c   48.216
_cell.angle_alpha   90.00
_cell.angle_beta   99.85
_cell.angle_gamma   90.00
#
_symmetry.space_group_name_H-M   'C 1 2 1'
#
loop_
_entity.id
_entity.type
_entity.pdbx_description
1 polymer 'Protein C activator'
2 non-polymer 2-acetamido-2-deoxy-beta-D-glucopyranose
3 non-polymer 'SULFATE ION'
4 non-polymer 'ACETATE ION'
5 non-polymer 'CHLORIDE ION'
6 non-polymer BENZAMIDINE
7 non-polymer GLYCEROL
8 water water
#
_entity_poly.entity_id   1
_entity_poly.type   'polypeptide(L)'
_entity_poly.pdbx_seq_one_letter_code
;VIGGDECNINEHRFLALVYANGSLCGGTLINQEWVLTARHCDRGNMRIYLGMHNLKVLNKDALRRFPKEKYFCLNTRNDT
IWDKDIMLIRLNRPVRNSAHIAPLSLPSNPPSVGSVCRIMGWGTITSPNATLPDVPHCANINILDYAVCQAAYKGLAATT
LCAGILEGGKDTCKGDSGGPLICNGQFQGILSVGGNPCAQPRKPGIYTKVFDYTDWIQSIISGNTDATCPP
;
_entity_poly.pdbx_strand_id   A
#
# COMPACT_ATOMS: atom_id res chain seq x y z
N VAL A 1 -6.64 9.57 0.25
CA VAL A 1 -5.81 10.28 1.26
C VAL A 1 -6.54 11.53 1.67
N ILE A 2 -6.69 11.70 2.98
CA ILE A 2 -7.32 12.88 3.56
C ILE A 2 -6.24 13.83 3.99
N GLY A 3 -6.46 15.13 3.78
CA GLY A 3 -5.54 16.13 4.33
C GLY A 3 -4.24 16.34 3.59
N GLY A 4 -4.17 15.82 2.37
CA GLY A 4 -2.98 15.93 1.57
C GLY A 4 -3.19 16.82 0.37
N ASP A 5 -2.29 16.68 -0.59
CA ASP A 5 -2.37 17.43 -1.82
C ASP A 5 -2.05 16.50 -2.97
N GLU A 6 -2.25 16.98 -4.19
CA GLU A 6 -1.83 16.22 -5.34
C GLU A 6 -0.35 15.85 -5.22
N CYS A 7 -0.05 14.57 -5.41
CA CYS A 7 1.34 14.13 -5.46
C CYS A 7 2.08 14.82 -6.58
N ASN A 8 3.37 15.03 -6.39
CA ASN A 8 4.19 15.43 -7.51
C ASN A 8 4.15 14.30 -8.55
N ILE A 9 4.03 14.68 -9.83
CA ILE A 9 3.92 13.70 -10.90
C ILE A 9 5.10 12.71 -10.95
N ASN A 10 6.23 13.09 -10.36
CA ASN A 10 7.44 12.28 -10.45
C ASN A 10 7.80 11.56 -9.16
N GLU A 11 6.98 11.74 -8.13
CA GLU A 11 7.37 11.25 -6.81
C GLU A 11 6.79 9.87 -6.50
N HIS A 12 6.14 9.25 -7.47
CA HIS A 12 5.43 8.02 -7.19
C HIS A 12 5.58 7.02 -8.32
N ARG A 13 6.81 6.88 -8.82
CA ARG A 13 7.02 6.09 -10.01
C ARG A 13 6.77 4.59 -9.77
N PHE A 14 6.76 4.22 -8.50
CA PHE A 14 6.57 2.84 -8.08
C PHE A 14 5.10 2.58 -7.74
N LEU A 15 4.27 3.61 -7.79
CA LEU A 15 2.90 3.46 -7.33
C LEU A 15 2.04 2.86 -8.41
N ALA A 16 1.40 1.75 -8.04
CA ALA A 16 0.51 1.05 -8.94
C ALA A 16 -0.92 1.40 -8.59
N LEU A 17 -1.77 1.42 -9.61
CA LEU A 17 -3.18 1.61 -9.44
C LEU A 17 -3.81 0.25 -9.67
N VAL A 18 -4.55 -0.24 -8.68
CA VAL A 18 -5.09 -1.58 -8.76
C VAL A 18 -6.61 -1.47 -8.78
N TYR A 19 -7.22 -2.01 -9.82
CA TYR A 19 -8.66 -2.06 -9.89
C TYR A 19 -9.06 -3.52 -9.86
N ALA A 20 -10.06 -3.85 -9.07
CA ALA A 20 -10.60 -5.21 -9.06
C ALA A 20 -12.09 -5.07 -8.87
N ASN A 21 -12.84 -6.14 -9.13
CA ASN A 21 -14.30 -6.11 -9.05
C ASN A 21 -14.82 -5.21 -7.94
N GLY A 22 -15.34 -4.05 -8.34
CA GLY A 22 -15.95 -3.09 -7.44
C GLY A 22 -14.98 -2.45 -6.46
N SER A 23 -13.73 -2.25 -6.89
CA SER A 23 -12.72 -1.84 -5.92
C SER A 23 -11.49 -1.13 -6.47
N LEU A 24 -11.04 -0.16 -5.71
CA LEU A 24 -9.85 0.61 -6.02
C LEU A 24 -8.84 0.36 -4.91
N CYS A 25 -7.60 0.15 -5.33
CA CYS A 25 -6.49 0.02 -4.38
C CYS A 25 -5.25 0.59 -5.02
N GLY A 26 -4.25 0.78 -4.20
CA GLY A 26 -2.92 1.03 -4.69
C GLY A 26 -2.09 -0.23 -4.62
N GLY A 27 -0.85 -0.10 -5.08
CA GLY A 27 0.13 -1.17 -4.96
C GLY A 27 1.49 -0.56 -5.22
N THR A 28 2.52 -1.39 -5.11
CA THR A 28 3.88 -0.90 -5.24
C THR A 28 4.63 -1.83 -6.15
N LEU A 29 5.21 -1.25 -7.19
CA LEU A 29 6.08 -1.96 -8.09
C LEU A 29 7.42 -2.16 -7.39
N ILE A 30 7.76 -3.41 -7.09
CA ILE A 30 8.99 -3.68 -6.34
C ILE A 30 10.16 -4.10 -7.22
N ASN A 31 9.85 -4.44 -8.45
CA ASN A 31 10.86 -4.66 -9.45
C ASN A 31 10.12 -4.56 -10.77
N GLN A 32 10.74 -4.95 -11.87
CA GLN A 32 10.09 -4.68 -13.14
C GLN A 32 8.97 -5.63 -13.50
N GLU A 33 8.68 -6.60 -12.64
CA GLU A 33 7.67 -7.59 -12.95
C GLU A 33 6.75 -7.91 -11.79
N TRP A 34 6.95 -7.25 -10.65
CA TRP A 34 6.22 -7.67 -9.46
C TRP A 34 5.67 -6.49 -8.69
N VAL A 35 4.46 -6.67 -8.18
CA VAL A 35 3.77 -5.65 -7.42
C VAL A 35 3.34 -6.23 -6.09
N LEU A 36 3.49 -5.43 -5.04
CA LEU A 36 2.94 -5.76 -3.74
C LEU A 36 1.72 -4.89 -3.49
N THR A 37 0.67 -5.53 -3.02
CA THR A 37 -0.56 -4.82 -2.66
C THR A 37 -1.14 -5.52 -1.43
N ALA A 38 -2.37 -5.17 -1.05
CA ALA A 38 -3.03 -5.79 0.08
C ALA A 38 -3.83 -6.95 -0.45
N ARG A 39 -3.86 -8.06 0.28
CA ARG A 39 -4.61 -9.19 -0.23
C ARG A 39 -6.09 -8.87 -0.29
N HIS A 40 -6.57 -7.97 0.56
CA HIS A 40 -8.00 -7.66 0.51
C HIS A 40 -8.41 -6.91 -0.75
N CYS A 41 -7.41 -6.47 -1.52
CA CYS A 41 -7.66 -5.77 -2.74
C CYS A 41 -7.98 -6.73 -3.85
N ASP A 42 -7.77 -8.03 -3.61
CA ASP A 42 -8.03 -9.01 -4.65
C ASP A 42 -9.50 -9.38 -4.66
N ARG A 43 -10.28 -8.55 -5.33
CA ARG A 43 -11.72 -8.71 -5.33
C ARG A 43 -12.22 -9.26 -6.67
N GLY A 44 -11.30 -9.67 -7.51
CA GLY A 44 -11.63 -10.30 -8.80
C GLY A 44 -11.38 -9.40 -10.00
N ASN A 45 -11.01 -10.01 -11.12
CA ASN A 45 -10.75 -9.29 -12.36
C ASN A 45 -9.76 -8.14 -12.13
N MET A 46 -8.59 -8.44 -11.57
CA MET A 46 -7.65 -7.40 -11.25
C MET A 46 -6.97 -6.85 -12.49
N ARG A 47 -6.87 -5.54 -12.55
CA ARG A 47 -6.10 -4.85 -13.56
C ARG A 47 -5.16 -3.94 -12.79
N ILE A 48 -3.91 -3.91 -13.21
CA ILE A 48 -2.90 -3.13 -12.49
C ILE A 48 -2.31 -2.14 -13.46
N TYR A 49 -2.35 -0.87 -13.09
CA TYR A 49 -1.85 0.18 -13.96
C TYR A 49 -0.60 0.76 -13.37
N LEU A 50 0.44 0.84 -14.20
CA LEU A 50 1.69 1.44 -13.79
C LEU A 50 1.87 2.73 -14.55
N GLY A 51 2.67 3.62 -13.97
CA GLY A 51 2.96 4.90 -14.60
C GLY A 51 1.78 5.85 -14.70
N MET A 52 0.79 5.65 -13.83
CA MET A 52 -0.38 6.53 -13.83
C MET A 52 -0.23 7.68 -12.86
N HIS A 53 -0.73 8.85 -13.27
CA HIS A 53 -0.87 9.94 -12.35
C HIS A 53 -2.32 10.38 -12.47
N ASN A 54 -2.59 11.23 -13.44
CA ASN A 54 -3.97 11.66 -13.65
C ASN A 54 -4.76 10.58 -14.38
N LEU A 55 -5.86 10.14 -13.76
CA LEU A 55 -6.74 9.14 -14.37
C LEU A 55 -7.37 9.64 -15.66
N LYS A 56 -7.36 10.96 -15.83
CA LYS A 56 -8.01 11.58 -16.96
C LYS A 56 -7.05 12.22 -17.94
N VAL A 57 -5.77 12.16 -17.62
CA VAL A 57 -4.76 12.67 -18.53
C VAL A 57 -3.68 11.62 -18.50
N LEU A 58 -3.81 10.65 -19.39
CA LEU A 58 -2.98 9.47 -19.30
C LEU A 58 -1.53 9.78 -19.62
N ASN A 59 -0.64 9.42 -18.70
CA ASN A 59 0.76 9.55 -18.97
C ASN A 59 1.10 8.72 -20.18
N LYS A 60 1.99 9.25 -21.02
CA LYS A 60 2.33 8.57 -22.26
C LYS A 60 2.89 7.19 -22.03
N ASP A 61 3.53 7.01 -20.87
CA ASP A 61 4.15 5.75 -20.54
C ASP A 61 3.29 4.89 -19.62
N ALA A 62 2.03 5.26 -19.42
CA ALA A 62 1.14 4.43 -18.58
C ALA A 62 0.95 3.06 -19.21
N LEU A 63 0.84 2.05 -18.35
CA LEU A 63 0.72 0.67 -18.80
C LEU A 63 -0.36 -0.05 -18.02
N ARG A 64 -1.04 -0.96 -18.70
CA ARG A 64 -1.94 -1.89 -18.02
C ARG A 64 -1.30 -3.26 -17.96
N ARG A 65 -1.43 -3.89 -16.79
CA ARG A 65 -0.92 -5.23 -16.60
C ARG A 65 -1.94 -6.05 -15.82
N PHE A 66 -1.71 -7.35 -15.80
CA PHE A 66 -2.62 -8.29 -15.17
C PHE A 66 -1.80 -9.22 -14.32
N PRO A 67 -2.42 -9.80 -13.29
CA PRO A 67 -1.67 -10.79 -12.53
C PRO A 67 -1.39 -12.04 -13.33
N LYS A 68 -0.13 -12.44 -13.34
CA LYS A 68 0.28 -13.71 -13.91
C LYS A 68 0.59 -14.73 -12.82
N GLU A 69 1.13 -14.24 -11.69
CA GLU A 69 1.31 -15.06 -10.49
C GLU A 69 0.74 -14.29 -9.34
N LYS A 70 0.26 -15.00 -8.34
CA LYS A 70 -0.38 -14.34 -7.22
C LYS A 70 -0.13 -15.14 -5.98
N TYR A 71 0.37 -14.49 -4.96
CA TYR A 71 0.70 -15.15 -3.72
C TYR A 71 0.23 -14.35 -2.56
N PHE A 72 -0.16 -15.06 -1.51
CA PHE A 72 -0.52 -14.48 -0.24
C PHE A 72 -0.23 -15.53 0.82
N CYS A 73 -0.40 -15.13 2.08
CA CYS A 73 -0.03 -15.97 3.20
C CYS A 73 -1.11 -16.97 3.50
N LEU A 74 -0.67 -18.19 3.79
CA LEU A 74 -1.57 -19.27 4.16
C LEU A 74 -1.52 -19.57 5.66
N ASN A 75 -0.84 -18.72 6.43
CA ASN A 75 -0.73 -18.89 7.87
C ASN A 75 -1.39 -17.74 8.61
N THR A 76 -2.47 -17.23 8.03
CA THR A 76 -3.21 -16.12 8.65
C THR A 76 -4.12 -16.59 9.78
N ARG A 77 -4.40 -15.68 10.70
CA ARG A 77 -5.38 -15.92 11.76
C ARG A 77 -6.70 -15.33 11.31
N ASN A 78 -7.78 -15.76 11.98
CA ASN A 78 -9.13 -15.28 11.69
C ASN A 78 -9.63 -14.32 12.78
N ASP A 79 -8.97 -14.33 13.93
CA ASP A 79 -9.41 -13.47 15.05
C ASP A 79 -8.84 -12.05 15.04
N THR A 80 -7.86 -11.80 14.16
CA THR A 80 -7.41 -10.44 13.96
C THR A 80 -7.95 -9.94 12.62
N ILE A 81 -7.94 -8.62 12.40
CA ILE A 81 -8.56 -8.06 11.21
C ILE A 81 -7.55 -8.07 10.08
N TRP A 82 -7.93 -8.75 8.99
CA TRP A 82 -7.11 -8.82 7.79
C TRP A 82 -5.66 -9.11 8.13
N ASP A 83 -5.46 -10.22 8.85
CA ASP A 83 -4.11 -10.63 9.20
C ASP A 83 -3.29 -10.80 7.93
N LYS A 84 -2.04 -10.35 7.98
CA LYS A 84 -1.10 -10.52 6.87
C LYS A 84 -1.73 -10.02 5.58
N ASP A 85 -2.12 -8.75 5.60
CA ASP A 85 -2.82 -8.20 4.46
C ASP A 85 -1.79 -7.78 3.43
N ILE A 86 -1.38 -8.79 2.65
CA ILE A 86 -0.31 -8.59 1.66
C ILE A 86 -0.52 -9.59 0.55
N MET A 87 -0.29 -9.15 -0.67
CA MET A 87 -0.38 -10.03 -1.80
C MET A 87 0.71 -9.64 -2.76
N LEU A 88 1.42 -10.65 -3.22
CA LEU A 88 2.53 -10.45 -4.13
C LEU A 88 2.10 -10.96 -5.49
N ILE A 89 2.21 -10.09 -6.48
CA ILE A 89 1.70 -10.38 -7.81
C ILE A 89 2.84 -10.25 -8.80
N ARG A 90 2.97 -11.24 -9.67
CA ARG A 90 3.84 -11.07 -10.82
C ARG A 90 2.98 -10.62 -11.97
N LEU A 91 3.46 -9.59 -12.64
CA LEU A 91 2.73 -9.00 -13.77
C LEU A 91 2.86 -9.91 -14.98
N ASN A 92 1.90 -9.78 -15.89
CA ASN A 92 1.90 -10.62 -17.09
C ASN A 92 3.08 -10.34 -18.00
N ARG A 93 3.54 -9.09 -18.00
CA ARG A 93 4.72 -8.67 -18.75
C ARG A 93 5.45 -7.65 -17.93
N PRO A 94 6.78 -7.60 -18.08
CA PRO A 94 7.56 -6.63 -17.32
C PRO A 94 7.27 -5.22 -17.75
N VAL A 95 7.66 -4.27 -16.91
CA VAL A 95 7.55 -2.86 -17.22
C VAL A 95 8.93 -2.24 -17.06
N ARG A 96 9.37 -1.54 -18.10
CA ARG A 96 10.67 -0.89 -18.04
C ARG A 96 10.58 0.46 -17.35
N ASN A 97 11.71 0.90 -16.81
CA ASN A 97 11.81 2.22 -16.21
C ASN A 97 11.53 3.28 -17.27
N SER A 98 10.74 4.27 -16.88
CA SER A 98 10.42 5.38 -17.75
C SER A 98 10.14 6.57 -16.87
N ALA A 99 9.77 7.71 -17.47
CA ALA A 99 9.59 8.92 -16.69
C ALA A 99 8.74 8.65 -15.46
N HIS A 100 7.71 7.81 -15.63
CA HIS A 100 6.74 7.62 -14.56
C HIS A 100 6.66 6.23 -14.02
N ILE A 101 7.63 5.40 -14.38
CA ILE A 101 7.64 4.03 -13.88
C ILE A 101 9.05 3.69 -13.40
N ALA A 102 9.14 3.23 -12.15
CA ALA A 102 10.42 2.68 -11.63
C ALA A 102 10.06 1.95 -10.35
N PRO A 103 10.69 0.80 -10.10
CA PRO A 103 10.39 0.07 -8.86
C PRO A 103 10.96 0.69 -7.60
N LEU A 104 10.37 0.31 -6.48
CA LEU A 104 10.87 0.68 -5.17
C LEU A 104 11.13 -0.64 -4.50
N SER A 105 12.36 -0.85 -4.05
CA SER A 105 12.81 -2.15 -3.59
C SER A 105 12.53 -2.36 -2.12
N LEU A 106 13.16 -3.38 -1.54
CA LEU A 106 12.77 -3.85 -0.21
C LEU A 106 13.54 -3.11 0.86
N PRO A 107 12.87 -2.82 1.98
CA PRO A 107 13.53 -2.04 3.02
C PRO A 107 14.64 -2.81 3.70
N SER A 108 15.67 -2.07 4.10
CA SER A 108 16.81 -2.67 4.79
C SER A 108 16.56 -2.79 6.28
N ASN A 109 15.50 -2.13 6.76
CA ASN A 109 15.19 -2.11 8.18
C ASN A 109 13.79 -1.56 8.33
N PRO A 110 13.11 -1.89 9.45
CA PRO A 110 11.82 -1.25 9.68
C PRO A 110 12.04 0.17 10.20
N PRO A 111 11.02 1.03 10.09
CA PRO A 111 11.23 2.44 10.40
C PRO A 111 11.07 2.72 11.89
N SER A 112 11.86 3.64 12.40
CA SER A 112 11.71 4.08 13.78
C SER A 112 10.37 4.76 13.98
N VAL A 113 9.77 4.52 15.13
CA VAL A 113 8.67 5.33 15.58
C VAL A 113 9.09 6.79 15.51
N GLY A 114 8.20 7.63 14.99
CA GLY A 114 8.50 9.04 14.79
C GLY A 114 8.95 9.39 13.39
N SER A 115 9.33 8.38 12.61
CA SER A 115 9.77 8.61 11.23
C SER A 115 8.67 9.31 10.46
N VAL A 116 9.06 10.20 9.57
CA VAL A 116 8.12 10.79 8.64
C VAL A 116 7.95 9.84 7.47
N CYS A 117 6.70 9.62 7.10
CA CYS A 117 6.38 8.75 5.97
C CYS A 117 5.48 9.47 5.01
N ARG A 118 5.62 9.11 3.75
CA ARG A 118 4.70 9.55 2.73
C ARG A 118 3.62 8.51 2.53
N ILE A 119 2.38 8.97 2.43
CA ILE A 119 1.28 8.12 1.98
C ILE A 119 0.76 8.69 0.67
N MET A 120 0.12 7.83 -0.10
CA MET A 120 -0.31 8.21 -1.43
C MET A 120 -1.34 7.27 -1.93
N GLY A 121 -2.21 7.81 -2.76
CA GLY A 121 -3.17 6.95 -3.42
C GLY A 121 -4.27 7.72 -4.10
N TRP A 122 -5.10 6.98 -4.80
CA TRP A 122 -6.22 7.59 -5.48
C TRP A 122 -7.50 7.39 -4.68
N GLY A 123 -7.35 7.06 -3.40
CA GLY A 123 -8.50 6.85 -2.53
C GLY A 123 -9.19 8.14 -2.20
N THR A 124 -10.30 8.01 -1.48
CA THR A 124 -11.12 9.16 -1.18
C THR A 124 -10.34 10.25 -0.45
N ILE A 125 -10.68 11.50 -0.77
CA ILE A 125 -10.03 12.63 -0.14
C ILE A 125 -10.97 13.26 0.88
N THR A 126 -12.17 12.68 0.98
CA THR A 126 -13.12 13.04 2.03
C THR A 126 -13.57 11.79 2.75
N SER A 127 -13.94 11.96 4.02
CA SER A 127 -14.39 10.86 4.85
C SER A 127 -15.15 11.47 6.00
N PRO A 128 -16.43 11.11 6.15
CA PRO A 128 -17.17 10.15 5.35
C PRO A 128 -17.57 10.71 3.97
N ASN A 129 -18.22 9.88 3.16
CA ASN A 129 -18.66 10.26 1.81
C ASN A 129 -17.49 10.29 0.85
N ALA A 130 -17.46 9.35 -0.10
CA ALA A 130 -16.36 9.23 -1.06
C ALA A 130 -16.24 10.42 -2.01
N THR A 131 -15.02 10.92 -2.13
CA THR A 131 -14.65 11.86 -3.18
C THR A 131 -13.36 11.34 -3.78
N LEU A 132 -13.47 10.73 -4.96
CA LEU A 132 -12.32 10.12 -5.58
C LEU A 132 -11.61 11.13 -6.47
N PRO A 133 -10.31 11.35 -6.21
CA PRO A 133 -9.54 12.32 -6.99
C PRO A 133 -9.13 11.76 -8.35
N ASP A 134 -8.85 12.66 -9.29
CA ASP A 134 -8.32 12.25 -10.59
C ASP A 134 -6.83 11.99 -10.51
N VAL A 135 -6.18 12.64 -9.57
CA VAL A 135 -4.74 12.52 -9.40
C VAL A 135 -4.49 11.93 -8.02
N PRO A 136 -3.39 11.19 -7.88
CA PRO A 136 -3.17 10.61 -6.54
C PRO A 136 -2.86 11.75 -5.58
N HIS A 137 -3.34 11.61 -4.35
CA HIS A 137 -2.99 12.57 -3.30
C HIS A 137 -1.96 11.97 -2.38
N CYS A 138 -1.17 12.85 -1.79
CA CYS A 138 -0.01 12.48 -0.99
C CYS A 138 -0.05 13.29 0.26
N ALA A 139 0.43 12.70 1.34
CA ALA A 139 0.56 13.43 2.59
C ALA A 139 1.73 12.87 3.37
N ASN A 140 2.20 13.67 4.32
CA ASN A 140 3.21 13.20 5.25
C ASN A 140 2.56 12.87 6.58
N ILE A 141 2.87 11.68 7.05
CA ILE A 141 2.41 11.22 8.35
C ILE A 141 3.63 10.65 9.06
N ASN A 142 3.39 10.03 10.20
CA ASN A 142 4.46 9.52 11.02
C ASN A 142 4.21 8.10 11.41
N ILE A 143 5.30 7.36 11.64
CA ILE A 143 5.19 6.10 12.33
C ILE A 143 4.84 6.42 13.77
N LEU A 144 3.73 5.88 14.21
CA LEU A 144 3.27 6.07 15.57
C LEU A 144 3.62 4.88 16.42
N ASP A 145 3.71 5.13 17.72
CA ASP A 145 3.83 4.07 18.69
C ASP A 145 2.72 3.08 18.39
N TYR A 146 3.10 1.83 18.25
CA TYR A 146 2.12 0.80 17.92
C TYR A 146 0.97 0.76 18.92
N ALA A 147 1.25 1.15 20.18
CA ALA A 147 0.22 1.18 21.21
C ALA A 147 -0.94 2.10 20.87
N VAL A 148 -0.69 3.10 20.03
CA VAL A 148 -1.76 3.97 19.61
C VAL A 148 -2.78 3.18 18.79
N CYS A 149 -2.29 2.36 17.87
CA CYS A 149 -3.18 1.52 17.08
C CYS A 149 -3.82 0.41 17.91
N GLN A 150 -3.08 -0.12 18.88
CA GLN A 150 -3.64 -1.12 19.78
C GLN A 150 -4.79 -0.56 20.58
N ALA A 151 -4.65 0.69 21.01
CA ALA A 151 -5.70 1.37 21.77
C ALA A 151 -6.93 1.62 20.89
N ALA A 152 -6.68 2.01 19.64
CA ALA A 152 -7.76 2.35 18.70
C ALA A 152 -8.47 1.13 18.13
N TYR A 153 -7.74 0.04 17.94
CA TYR A 153 -8.25 -1.07 17.15
C TYR A 153 -8.06 -2.42 17.81
N LYS A 154 -9.07 -2.83 18.55
CA LYS A 154 -9.06 -4.15 19.15
C LYS A 154 -9.10 -5.15 17.99
N GLY A 155 -8.14 -6.06 17.96
CA GLY A 155 -8.07 -7.08 16.91
C GLY A 155 -7.11 -6.73 15.78
N LEU A 156 -6.25 -5.77 16.03
CA LEU A 156 -5.20 -5.35 15.11
C LEU A 156 -4.32 -6.54 14.77
N ALA A 157 -3.96 -6.69 13.50
CA ALA A 157 -3.04 -7.74 13.09
C ALA A 157 -1.62 -7.40 13.51
N ALA A 158 -0.84 -8.44 13.78
CA ALA A 158 0.58 -8.28 13.99
C ALA A 158 1.22 -8.04 12.61
N THR A 159 2.55 -7.98 12.58
CA THR A 159 3.31 -7.61 11.39
C THR A 159 2.72 -6.41 10.69
N THR A 160 2.44 -5.40 11.49
CA THR A 160 1.92 -4.14 10.98
C THR A 160 2.64 -2.96 11.61
N LEU A 161 2.58 -1.85 10.91
CA LEU A 161 3.00 -0.56 11.41
C LEU A 161 1.78 0.30 11.64
N CYS A 162 1.87 1.13 12.67
CA CYS A 162 0.84 2.10 12.98
C CYS A 162 1.34 3.45 12.48
N ALA A 163 0.57 4.10 11.62
CA ALA A 163 1.09 5.34 11.05
C ALA A 163 -0.03 6.30 10.78
N GLY A 164 0.23 7.55 11.06
CA GLY A 164 -0.76 8.60 10.88
C GLY A 164 -0.26 9.82 11.59
N ILE A 165 -1.21 10.66 11.97
CA ILE A 165 -0.91 11.83 12.76
C ILE A 165 -1.69 11.61 14.03
N LEU A 166 -1.02 11.70 15.17
CA LEU A 166 -1.67 11.38 16.43
C LEU A 166 -2.95 12.21 16.57
N GLU A 167 -2.88 13.48 16.17
CA GLU A 167 -4.01 14.41 16.27
C GLU A 167 -5.03 14.27 15.14
N GLY A 168 -4.76 13.34 14.21
CA GLY A 168 -5.60 13.18 13.02
C GLY A 168 -5.38 14.26 11.99
N GLY A 169 -6.26 14.30 10.99
CA GLY A 169 -6.27 15.36 9.99
C GLY A 169 -5.68 14.92 8.66
N LYS A 170 -4.68 14.03 8.72
CA LYS A 170 -4.10 13.46 7.51
C LYS A 170 -4.08 11.98 7.70
N ASP A 171 -4.42 11.26 6.65
CA ASP A 171 -4.59 9.82 6.78
C ASP A 171 -4.82 9.28 5.40
N THR A 172 -4.58 7.99 5.24
CA THR A 172 -5.12 7.30 4.07
C THR A 172 -6.60 7.04 4.31
N CYS A 173 -7.26 6.53 3.27
CA CYS A 173 -8.66 6.22 3.40
C CYS A 173 -9.08 5.21 2.36
N LYS A 174 -10.38 4.94 2.28
CA LYS A 174 -10.90 3.96 1.35
C LYS A 174 -10.40 4.24 -0.07
N GLY A 175 -9.87 3.20 -0.69
CA GLY A 175 -9.34 3.30 -2.03
C GLY A 175 -7.83 3.40 -2.04
N ASP A 176 -7.25 3.71 -0.88
CA ASP A 176 -5.79 3.82 -0.76
C ASP A 176 -5.18 2.51 -0.36
N SER A 177 -6.01 1.56 0.08
CA SER A 177 -5.48 0.28 0.56
C SER A 177 -4.61 -0.35 -0.49
N GLY A 178 -3.60 -1.07 -0.01
CA GLY A 178 -2.65 -1.72 -0.88
C GLY A 178 -1.49 -0.82 -1.26
N GLY A 179 -1.69 0.49 -1.12
CA GLY A 179 -0.67 1.47 -1.47
C GLY A 179 0.44 1.51 -0.45
N PRO A 180 1.57 2.12 -0.84
CA PRO A 180 2.76 2.15 0.00
C PRO A 180 2.77 3.25 1.04
N LEU A 181 3.36 2.90 2.17
CA LEU A 181 3.81 3.83 3.18
C LEU A 181 5.34 3.91 3.00
N ILE A 182 5.84 5.09 2.64
CA ILE A 182 7.27 5.24 2.35
C ILE A 182 7.88 6.08 3.45
N CYS A 183 8.84 5.55 4.19
CA CYS A 183 9.42 6.29 5.31
C CYS A 183 10.90 6.33 5.11
N ASN A 184 11.47 7.52 5.25
CA ASN A 184 12.90 7.69 5.07
C ASN A 184 13.35 7.07 3.73
N GLY A 185 12.53 7.25 2.70
CA GLY A 185 12.81 6.77 1.35
C GLY A 185 12.66 5.27 1.13
N GLN A 186 12.16 4.57 2.14
CA GLN A 186 12.04 3.11 2.10
C GLN A 186 10.57 2.69 2.06
N PHE A 187 10.31 1.61 1.32
CA PHE A 187 8.99 0.99 1.25
C PHE A 187 8.75 0.23 2.54
N GLN A 188 7.95 0.79 3.45
CA GLN A 188 7.80 0.18 4.77
C GLN A 188 6.45 -0.43 5.05
N GLY A 189 5.41 0.07 4.40
CA GLY A 189 4.07 -0.41 4.69
C GLY A 189 3.21 -0.57 3.46
N ILE A 190 2.25 -1.47 3.59
CA ILE A 190 1.19 -1.63 2.61
C ILE A 190 -0.08 -1.32 3.36
N LEU A 191 -0.84 -0.32 2.93
CA LEU A 191 -2.03 0.04 3.71
C LEU A 191 -3.00 -1.12 3.75
N SER A 192 -3.43 -1.44 4.96
CA SER A 192 -4.42 -2.49 5.15
C SER A 192 -5.76 -1.94 5.59
N VAL A 193 -5.78 -1.37 6.79
CA VAL A 193 -7.04 -0.99 7.40
C VAL A 193 -6.85 0.27 8.23
N GLY A 194 -7.96 0.81 8.68
CA GLY A 194 -7.90 1.97 9.56
C GLY A 194 -9.31 2.38 9.90
N GLY A 195 -9.41 3.44 10.70
CA GLY A 195 -10.71 3.87 11.16
C GLY A 195 -11.50 4.53 10.04
N ASN A 196 -12.80 4.37 10.10
CA ASN A 196 -13.71 5.04 9.17
C ASN A 196 -14.79 5.64 10.05
N PRO A 197 -14.95 6.97 10.01
CA PRO A 197 -14.27 7.91 9.13
C PRO A 197 -12.75 7.99 9.32
N CYS A 198 -12.06 8.40 8.26
CA CYS A 198 -10.61 8.45 8.25
C CYS A 198 -10.12 9.74 8.87
N ALA A 199 -8.84 9.75 9.19
CA ALA A 199 -8.17 10.97 9.68
C ALA A 199 -8.67 11.45 11.04
N GLN A 200 -9.30 10.55 11.79
CA GLN A 200 -9.76 10.90 13.14
C GLN A 200 -8.57 10.89 14.09
N PRO A 201 -8.62 11.76 15.12
CA PRO A 201 -7.58 11.71 16.14
C PRO A 201 -7.41 10.33 16.75
N ARG A 202 -6.15 9.90 16.87
CA ARG A 202 -5.83 8.62 17.50
C ARG A 202 -6.46 7.40 16.84
N LYS A 203 -6.82 7.54 15.56
CA LYS A 203 -7.33 6.43 14.78
C LYS A 203 -6.53 6.36 13.50
N PRO A 204 -5.29 5.87 13.64
CA PRO A 204 -4.34 5.90 12.53
C PRO A 204 -4.56 4.78 11.51
N GLY A 205 -3.69 4.74 10.52
CA GLY A 205 -3.72 3.66 9.54
C GLY A 205 -2.89 2.50 10.01
N ILE A 206 -3.28 1.31 9.57
CA ILE A 206 -2.57 0.08 9.86
C ILE A 206 -1.98 -0.41 8.56
N TYR A 207 -0.66 -0.58 8.53
CA TYR A 207 0.06 -0.87 7.30
C TYR A 207 0.82 -2.14 7.50
N THR A 208 0.61 -3.11 6.62
CA THR A 208 1.37 -4.33 6.73
C THR A 208 2.85 -4.01 6.65
N LYS A 209 3.61 -4.60 7.54
CA LYS A 209 4.99 -4.17 7.76
C LYS A 209 5.89 -4.90 6.76
N VAL A 210 6.21 -4.23 5.67
CA VAL A 210 6.91 -4.85 4.54
C VAL A 210 8.20 -5.53 4.97
N PHE A 211 8.95 -4.85 5.84
CA PHE A 211 10.23 -5.39 6.29
C PHE A 211 10.11 -6.85 6.74
N ASP A 212 9.02 -7.16 7.45
CA ASP A 212 8.84 -8.51 8.01
C ASP A 212 8.71 -9.57 6.93
N TYR A 213 8.29 -9.13 5.75
CA TYR A 213 7.97 -10.03 4.65
C TYR A 213 9.09 -10.15 3.63
N THR A 214 10.25 -9.54 3.91
CA THR A 214 11.37 -9.56 2.98
C THR A 214 11.70 -10.97 2.56
N ASP A 215 11.89 -11.84 3.54
CA ASP A 215 12.35 -13.18 3.21
C ASP A 215 11.29 -13.95 2.43
N TRP A 216 10.03 -13.74 2.77
CA TRP A 216 8.94 -14.39 2.07
C TRP A 216 8.92 -13.92 0.62
N ILE A 217 8.99 -12.60 0.45
CA ILE A 217 8.99 -12.03 -0.90
C ILE A 217 10.16 -12.59 -1.71
N GLN A 218 11.34 -12.55 -1.13
CA GLN A 218 12.51 -13.04 -1.85
C GLN A 218 12.39 -14.51 -2.15
N SER A 219 11.87 -15.29 -1.21
CA SER A 219 11.78 -16.73 -1.44
C SER A 219 10.85 -16.99 -2.59
N ILE A 220 9.73 -16.28 -2.62
CA ILE A 220 8.75 -16.48 -3.68
C ILE A 220 9.31 -16.14 -5.05
N ILE A 221 9.93 -14.98 -5.16
CA ILE A 221 10.38 -14.47 -6.44
C ILE A 221 11.63 -15.19 -6.93
N SER A 222 12.50 -15.56 -5.99
CA SER A 222 13.79 -16.13 -6.38
C SER A 222 13.73 -17.63 -6.67
N GLY A 223 12.54 -18.22 -6.58
CA GLY A 223 12.34 -19.60 -7.02
C GLY A 223 11.23 -20.32 -6.29
N ASN A 224 10.72 -19.69 -5.23
CA ASN A 224 9.74 -20.26 -4.30
C ASN A 224 9.76 -21.76 -4.07
N THR A 225 10.35 -22.13 -2.95
CA THR A 225 9.91 -23.30 -2.24
C THR A 225 8.48 -22.93 -1.86
N ASP A 226 7.81 -23.76 -1.06
CA ASP A 226 6.53 -23.35 -0.52
C ASP A 226 6.78 -22.35 0.62
N ALA A 227 7.22 -21.16 0.24
CA ALA A 227 7.63 -20.11 1.20
C ALA A 227 6.56 -19.83 2.24
N THR A 228 7.00 -19.53 3.46
CA THR A 228 6.06 -19.24 4.52
C THR A 228 6.15 -17.78 4.94
N CYS A 229 5.00 -17.18 5.17
CA CYS A 229 4.96 -15.82 5.68
C CYS A 229 5.47 -15.74 7.09
N PRO A 230 5.96 -14.57 7.50
CA PRO A 230 6.43 -14.42 8.86
C PRO A 230 5.26 -14.64 9.80
N PRO A 231 5.54 -15.18 11.00
CA PRO A 231 4.48 -15.41 11.96
C PRO A 231 3.96 -14.10 12.52
#